data_3KSR
#
_entry.id   3KSR
#
_cell.length_a   56.865
_cell.length_b   56.865
_cell.length_c   220.250
_cell.angle_alpha   90.000
_cell.angle_beta   90.000
_cell.angle_gamma   90.000
#
_symmetry.space_group_name_H-M   'P 43 21 2'
#
loop_
_entity.id
_entity.type
_entity.pdbx_description
1 polymer 'Putative serine hydrolase'
2 non-polymer 'PHOSPHATE ION'
3 non-polymer 'CHLORIDE ION'
4 water water
#
_entity_poly.entity_id   1
_entity_poly.type   'polypeptide(L)'
_entity_poly.pdbx_seq_one_letter_code
;G(MSE)EAKLSSIEIPVGQDELSGTLLTPTG(MSE)PGVLFVHGWGGSQHHSLVRAREAVGLGCIC(MSE)TFDLRGHEG
YAS(MSE)RQSVTRAQNLDDIKAAYDQLASLPYVDAHSIAVVGLSYGGYLSALLTRERPVEWLALRSPALYKDAHWDQPK
VSLNADPDL(MSE)DYRRRALAPGDNLALAACAQYKGDVLLVEAENDVIVPHPV(MSE)RNYADAFTNARSLTSRVIAGA
DHALSVKEHQQEYTRALIDWLTE(MSE)VVGRRIALAKEVVAARKQLLKEQQGDAVSLPGQGSREFRGDIRAVEKTSA
;
_entity_poly.pdbx_strand_id   A
#
# COMPACT_ATOMS: atom_id res chain seq x y z
N GLU A 3 -13.96 17.79 -6.91
CA GLU A 3 -15.23 17.66 -7.64
C GLU A 3 -16.47 17.37 -6.79
N ALA A 4 -17.63 17.81 -7.28
CA ALA A 4 -18.91 17.69 -6.59
C ALA A 4 -19.92 16.86 -7.40
N LYS A 5 -20.79 16.14 -6.71
CA LYS A 5 -21.89 15.45 -7.36
C LYS A 5 -23.19 16.17 -7.02
N LEU A 6 -23.96 16.51 -8.05
CA LEU A 6 -25.24 17.17 -7.90
C LEU A 6 -26.31 16.11 -7.91
N SER A 7 -27.09 16.03 -6.83
CA SER A 7 -28.14 15.02 -6.70
C SER A 7 -29.42 15.73 -6.42
N SER A 8 -30.39 15.59 -7.32
CA SER A 8 -31.65 16.24 -7.08
C SER A 8 -32.34 15.53 -5.92
N ILE A 9 -33.08 16.32 -5.16
CA ILE A 9 -33.72 15.88 -3.95
C ILE A 9 -35.07 16.57 -3.85
N GLU A 10 -35.89 16.05 -2.95
CA GLU A 10 -37.24 16.53 -2.69
C GLU A 10 -37.27 16.92 -1.22
N ILE A 11 -37.76 18.10 -0.90
CA ILE A 11 -37.79 18.59 0.47
C ILE A 11 -39.24 18.73 0.86
N PRO A 12 -39.71 17.89 1.78
CA PRO A 12 -41.10 18.07 2.14
C PRO A 12 -41.31 19.24 3.09
N VAL A 13 -42.44 19.89 2.93
CA VAL A 13 -42.86 20.98 3.78
C VAL A 13 -44.36 21.03 3.57
N GLY A 14 -45.13 20.72 4.61
CA GLY A 14 -46.60 20.67 4.53
C GLY A 14 -47.14 19.67 3.51
N GLN A 15 -48.27 20.03 2.90
CA GLN A 15 -48.87 19.25 1.82
C GLN A 15 -48.00 19.19 0.55
N ASP A 16 -46.89 19.93 0.50
CA ASP A 16 -46.12 20.15 -0.72
C ASP A 16 -44.74 19.54 -0.62
N GLU A 17 -44.03 19.43 -1.75
CA GLU A 17 -42.62 19.00 -1.74
C GLU A 17 -41.76 19.82 -2.72
N LEU A 18 -40.72 20.41 -2.17
CA LEU A 18 -39.87 21.34 -2.87
C LEU A 18 -38.81 20.56 -3.59
N SER A 19 -38.39 21.05 -4.75
CA SER A 19 -37.29 20.47 -5.47
C SER A 19 -35.97 21.11 -5.00
N GLY A 20 -34.89 20.34 -5.01
CA GLY A 20 -33.60 20.87 -4.55
C GLY A 20 -32.44 20.09 -5.09
N THR A 21 -31.23 20.52 -4.74
CA THR A 21 -30.01 19.86 -5.16
C THR A 21 -29.07 19.72 -3.97
N LEU A 22 -28.59 18.51 -3.76
CA LEU A 22 -27.56 18.25 -2.78
C LEU A 22 -26.25 18.15 -3.53
N LEU A 23 -25.25 18.93 -3.13
CA LEU A 23 -23.89 18.79 -3.68
C LEU A 23 -23.01 18.09 -2.67
N THR A 24 -22.42 16.99 -3.11
CA THR A 24 -21.52 16.19 -2.28
C THR A 24 -20.20 15.85 -3.02
N PRO A 25 -19.12 15.57 -2.29
CA PRO A 25 -17.87 15.22 -2.94
C PRO A 25 -17.93 13.88 -3.65
N THR A 26 -17.09 13.80 -4.67
CA THR A 26 -17.03 12.70 -5.59
C THR A 26 -15.71 12.78 -6.36
N GLY A 27 -15.39 11.68 -7.04
CA GLY A 27 -14.12 11.57 -7.71
C GLY A 27 -12.94 11.80 -6.80
N PRO A 29 -9.71 10.84 -4.38
CA PRO A 29 -8.65 9.84 -4.38
C PRO A 29 -8.90 8.77 -3.31
N GLY A 30 -8.51 7.53 -3.61
CA GLY A 30 -8.66 6.41 -2.68
C GLY A 30 -7.32 5.83 -2.28
N VAL A 31 -7.15 5.57 -0.98
CA VAL A 31 -5.90 4.96 -0.46
C VAL A 31 -6.14 3.57 0.11
N LEU A 32 -5.35 2.60 -0.37
CA LEU A 32 -5.42 1.21 0.07
C LEU A 32 -4.16 0.87 0.89
N PHE A 33 -4.40 0.39 2.10
CA PHE A 33 -3.33 0.00 3.02
C PHE A 33 -3.23 -1.51 3.04
N VAL A 34 -2.04 -2.02 2.73
CA VAL A 34 -1.78 -3.46 2.79
C VAL A 34 -0.81 -3.73 3.96
N HIS A 35 -1.20 -4.55 4.93
CA HIS A 35 -0.33 -4.80 6.09
C HIS A 35 0.71 -5.85 5.83
N GLY A 36 1.71 -5.88 6.69
CA GLY A 36 2.75 -6.90 6.61
C GLY A 36 2.32 -8.19 7.29
N TRP A 37 3.24 -9.15 7.28
CA TRP A 37 2.99 -10.48 7.82
C TRP A 37 2.91 -10.45 9.35
N GLY A 38 1.85 -11.03 9.91
CA GLY A 38 1.61 -10.96 11.34
C GLY A 38 0.87 -9.69 11.73
N GLY A 39 0.57 -8.84 10.77
CA GLY A 39 -0.14 -7.60 11.05
C GLY A 39 -1.64 -7.74 10.84
N SER A 40 -2.33 -6.61 10.73
CA SER A 40 -3.78 -6.59 10.64
C SER A 40 -4.27 -5.28 10.09
N GLN A 41 -5.55 -5.24 9.78
CA GLN A 41 -6.14 -4.03 9.27
C GLN A 41 -6.02 -2.85 10.22
N HIS A 42 -5.71 -3.08 11.49
CA HIS A 42 -5.84 -2.04 12.51
C HIS A 42 -4.60 -1.18 12.64
N HIS A 43 -3.45 -1.72 12.25
CA HIS A 43 -2.21 -0.96 12.42
C HIS A 43 -2.27 0.41 11.64
N SER A 44 -2.98 0.45 10.52
CA SER A 44 -3.02 1.64 9.69
C SER A 44 -4.07 2.70 9.98
N LEU A 45 -5.00 2.45 10.90
CA LEU A 45 -6.16 3.33 11.04
C LEU A 45 -5.78 4.77 11.40
N VAL A 46 -4.69 4.97 12.14
CA VAL A 46 -4.31 6.32 12.52
C VAL A 46 -3.92 7.08 11.25
N ARG A 47 -3.18 6.43 10.37
CA ARG A 47 -2.86 7.03 9.10
C ARG A 47 -4.01 7.14 8.12
N ALA A 48 -4.85 6.10 8.08
CA ALA A 48 -6.00 6.12 7.20
C ALA A 48 -6.80 7.40 7.53
N ARG A 49 -7.03 7.59 8.82
CA ARG A 49 -7.70 8.78 9.36
C ARG A 49 -7.14 10.09 8.85
N GLU A 50 -5.82 10.21 8.96
CA GLU A 50 -5.18 11.46 8.63
C GLU A 50 -5.32 11.65 7.11
N ALA A 51 -5.36 10.55 6.36
CA ALA A 51 -5.54 10.60 4.90
C ALA A 51 -6.95 11.06 4.51
N VAL A 52 -7.95 10.67 5.29
CA VAL A 52 -9.31 11.12 5.07
C VAL A 52 -9.34 12.65 5.24
N GLY A 53 -8.57 13.13 6.22
CA GLY A 53 -8.26 14.56 6.39
C GLY A 53 -7.80 15.30 5.15
N LEU A 54 -7.07 14.64 4.26
CA LEU A 54 -6.67 15.24 2.99
C LEU A 54 -7.78 15.19 1.94
N GLY A 55 -8.91 14.58 2.23
CA GLY A 55 -9.99 14.46 1.25
C GLY A 55 -9.91 13.15 0.51
N CYS A 56 -9.47 12.09 1.20
CA CYS A 56 -9.48 10.76 0.61
C CYS A 56 -10.50 9.88 1.21
N ILE A 57 -10.73 8.78 0.49
CA ILE A 57 -11.43 7.60 0.98
C ILE A 57 -10.37 6.54 1.20
N CYS A 58 -10.44 5.85 2.34
CA CYS A 58 -9.40 4.91 2.71
C CYS A 58 -9.96 3.55 2.99
N THR A 60 -8.60 -0.34 4.85
CA THR A 60 -7.67 -1.29 5.40
C THR A 60 -8.41 -2.62 5.46
N PHE A 61 -7.68 -3.72 5.57
CA PHE A 61 -8.29 -5.06 5.53
C PHE A 61 -7.32 -6.10 6.07
N ASP A 62 -7.87 -7.22 6.53
CA ASP A 62 -7.08 -8.33 7.04
C ASP A 62 -6.69 -9.30 5.91
N LEU A 63 -5.41 -9.35 5.56
CA LEU A 63 -4.93 -10.39 4.64
C LEU A 63 -5.30 -11.79 5.15
N ARG A 64 -5.62 -12.70 4.23
CA ARG A 64 -5.86 -14.10 4.64
C ARG A 64 -4.62 -14.68 5.31
N GLY A 65 -4.83 -15.62 6.23
CA GLY A 65 -3.75 -16.15 7.05
C GLY A 65 -3.63 -15.33 8.31
N HIS A 66 -4.47 -14.30 8.43
CA HIS A 66 -4.48 -13.41 9.60
C HIS A 66 -5.92 -13.20 10.12
N GLU A 67 -6.03 -13.02 11.42
CA GLU A 67 -7.28 -12.62 12.05
C GLU A 67 -8.41 -13.60 11.83
N GLY A 68 -9.47 -13.17 11.12
CA GLY A 68 -10.60 -14.04 10.83
C GLY A 68 -10.24 -15.27 10.00
N TYR A 69 -9.05 -15.22 9.37
CA TYR A 69 -8.47 -16.33 8.69
C TYR A 69 -7.07 -16.59 9.22
N ALA A 70 -6.90 -16.45 10.54
CA ALA A 70 -5.66 -16.85 11.24
C ALA A 70 -5.42 -18.34 10.96
N SER A 71 -6.52 -19.07 10.78
CA SER A 71 -6.47 -20.48 10.41
C SER A 71 -5.60 -20.80 9.19
N ARG A 73 -2.73 -19.26 8.32
CA ARG A 73 -1.38 -18.74 8.50
C ARG A 73 -0.30 -19.61 7.87
N GLN A 74 -0.46 -20.92 7.97
CA GLN A 74 0.59 -21.86 7.57
C GLN A 74 0.41 -22.36 6.14
N SER A 75 -0.73 -22.10 5.51
CA SER A 75 -0.98 -22.59 4.17
C SER A 75 -1.01 -21.47 3.13
N VAL A 76 -1.44 -20.26 3.51
CA VAL A 76 -1.72 -19.23 2.52
C VAL A 76 -0.49 -18.94 1.65
N THR A 77 -0.76 -18.84 0.34
CA THR A 77 0.26 -18.64 -0.69
C THR A 77 0.28 -17.15 -1.08
N ARG A 78 1.38 -16.70 -1.70
CA ARG A 78 1.41 -15.32 -2.22
C ARG A 78 0.32 -15.12 -3.25
N ALA A 79 0.04 -16.18 -4.02
CA ALA A 79 -1.04 -16.17 -4.99
C ALA A 79 -2.30 -15.65 -4.32
N GLN A 80 -2.66 -16.29 -3.22
CA GLN A 80 -3.90 -15.94 -2.51
C GLN A 80 -3.86 -14.55 -1.89
N ASN A 81 -2.73 -14.17 -1.31
CA ASN A 81 -2.67 -12.84 -0.73
C ASN A 81 -2.72 -11.75 -1.81
N LEU A 82 -2.13 -12.02 -2.97
CA LEU A 82 -2.24 -11.10 -4.10
C LEU A 82 -3.70 -11.01 -4.57
N ASP A 83 -4.42 -12.14 -4.60
CA ASP A 83 -5.87 -12.13 -4.91
C ASP A 83 -6.65 -11.24 -3.92
N ASP A 84 -6.25 -11.27 -2.63
CA ASP A 84 -6.85 -10.42 -1.59
C ASP A 84 -6.67 -8.95 -1.90
N ILE A 85 -5.45 -8.58 -2.31
CA ILE A 85 -5.13 -7.17 -2.54
C ILE A 85 -5.90 -6.67 -3.76
N LYS A 86 -5.95 -7.50 -4.80
CA LYS A 86 -6.77 -7.24 -5.98
C LYS A 86 -8.24 -7.04 -5.59
N ALA A 87 -8.76 -7.86 -4.68
CA ALA A 87 -10.17 -7.80 -4.27
C ALA A 87 -10.45 -6.50 -3.56
N ALA A 88 -9.60 -6.16 -2.61
CA ALA A 88 -9.73 -4.90 -1.88
C ALA A 88 -9.65 -3.76 -2.88
N TYR A 89 -8.60 -3.74 -3.69
CA TYR A 89 -8.45 -2.72 -4.71
C TYR A 89 -9.75 -2.54 -5.51
N ASP A 90 -10.25 -3.61 -6.11
CA ASP A 90 -11.48 -3.54 -6.91
C ASP A 90 -12.66 -2.98 -6.15
N GLN A 91 -12.82 -3.38 -4.91
CA GLN A 91 -13.89 -2.83 -4.13
C GLN A 91 -13.71 -1.32 -3.84
N LEU A 92 -12.48 -0.88 -3.65
CA LEU A 92 -12.23 0.55 -3.40
C LEU A 92 -12.41 1.34 -4.67
N ALA A 93 -11.82 0.88 -5.77
CA ALA A 93 -11.89 1.58 -7.06
C ALA A 93 -13.35 1.73 -7.55
N SER A 94 -14.13 0.68 -7.38
CA SER A 94 -15.52 0.65 -7.84
C SER A 94 -16.50 1.51 -7.03
N LEU A 95 -16.08 2.13 -5.94
CA LEU A 95 -16.96 3.05 -5.22
C LEU A 95 -17.24 4.29 -6.08
N PRO A 96 -18.52 4.72 -6.15
CA PRO A 96 -18.96 5.86 -6.97
C PRO A 96 -18.25 7.18 -6.65
N TYR A 97 -17.98 7.43 -5.38
CA TYR A 97 -17.32 8.69 -4.97
C TYR A 97 -15.78 8.67 -5.09
N VAL A 98 -15.21 7.53 -5.47
CA VAL A 98 -13.77 7.38 -5.67
C VAL A 98 -13.43 7.40 -7.17
N ASP A 99 -12.36 8.09 -7.51
CA ASP A 99 -11.84 8.14 -8.87
C ASP A 99 -10.84 7.00 -9.04
N ALA A 100 -11.27 5.94 -9.72
CA ALA A 100 -10.39 4.78 -9.99
C ALA A 100 -9.05 5.18 -10.62
N HIS A 101 -9.00 6.31 -11.31
CA HIS A 101 -7.75 6.77 -11.88
C HIS A 101 -6.84 7.43 -10.82
N SER A 102 -7.21 7.39 -9.55
CA SER A 102 -6.39 8.02 -8.53
C SER A 102 -6.37 7.20 -7.26
N ILE A 103 -5.77 6.02 -7.31
CA ILE A 103 -5.62 5.17 -6.14
C ILE A 103 -4.17 5.09 -5.70
N ALA A 104 -3.94 5.37 -4.42
CA ALA A 104 -2.65 5.18 -3.77
C ALA A 104 -2.67 3.79 -3.12
N VAL A 105 -1.59 3.04 -3.25
CA VAL A 105 -1.42 1.84 -2.45
C VAL A 105 -0.26 2.06 -1.48
N VAL A 106 -0.48 1.76 -0.20
CA VAL A 106 0.52 1.93 0.90
C VAL A 106 0.78 0.58 1.57
N GLY A 107 1.89 -0.05 1.19
CA GLY A 107 2.21 -1.44 1.63
C GLY A 107 3.42 -1.55 2.55
N LEU A 108 3.32 -2.48 3.52
CA LEU A 108 4.36 -2.75 4.52
C LEU A 108 4.98 -4.18 4.42
N SER A 109 6.31 -4.25 4.38
CA SER A 109 7.09 -5.53 4.28
C SER A 109 6.46 -6.51 3.27
N TYR A 110 5.97 -7.66 3.69
CA TYR A 110 5.27 -8.60 2.82
C TYR A 110 4.22 -7.90 1.98
N GLY A 111 3.40 -7.08 2.64
CA GLY A 111 2.38 -6.28 1.97
C GLY A 111 2.98 -5.38 0.91
N GLY A 112 4.16 -4.81 1.19
CA GLY A 112 4.85 -3.94 0.25
C GLY A 112 5.30 -4.67 -1.01
N TYR A 113 5.82 -5.88 -0.84
CA TYR A 113 6.24 -6.73 -1.94
C TYR A 113 5.09 -6.99 -2.88
N LEU A 114 3.99 -7.45 -2.29
CA LEU A 114 2.79 -7.79 -3.03
C LEU A 114 2.19 -6.56 -3.68
N SER A 115 2.30 -5.42 -3.03
CA SER A 115 1.81 -4.17 -3.60
C SER A 115 2.60 -3.81 -4.84
N ALA A 116 3.92 -3.92 -4.75
CA ALA A 116 4.81 -3.74 -5.91
C ALA A 116 4.24 -4.54 -7.07
N LEU A 117 4.01 -5.84 -6.82
CA LEU A 117 3.42 -6.74 -7.81
C LEU A 117 2.06 -6.25 -8.28
N LEU A 118 1.19 -5.84 -7.36
CA LEU A 118 -0.15 -5.31 -7.71
C LEU A 118 -0.12 -4.37 -8.89
N THR A 119 0.88 -3.49 -8.93
CA THR A 119 0.94 -2.41 -9.94
C THR A 119 1.02 -2.93 -11.39
N ARG A 120 1.58 -4.13 -11.61
CA ARG A 120 1.61 -4.79 -12.94
C ARG A 120 0.25 -5.31 -13.37
N GLU A 121 -0.75 -5.30 -12.48
CA GLU A 121 -2.10 -5.83 -12.80
C GLU A 121 -3.27 -4.88 -12.50
N ARG A 122 -3.02 -3.77 -11.82
CA ARG A 122 -4.04 -2.74 -11.57
C ARG A 122 -3.42 -1.35 -11.62
N PRO A 123 -4.22 -0.34 -11.99
CA PRO A 123 -3.68 1.03 -12.02
C PRO A 123 -3.46 1.66 -10.62
N VAL A 124 -2.21 2.00 -10.32
CA VAL A 124 -1.85 2.60 -9.04
C VAL A 124 -1.12 3.93 -9.30
N GLU A 125 -1.81 5.05 -9.05
CA GLU A 125 -1.24 6.37 -9.34
C GLU A 125 -0.03 6.67 -8.52
N TRP A 126 -0.12 6.30 -7.24
CA TRP A 126 0.89 6.59 -6.26
C TRP A 126 1.12 5.29 -5.52
N LEU A 127 2.38 4.95 -5.27
CA LEU A 127 2.76 3.73 -4.59
C LEU A 127 3.73 4.11 -3.47
N ALA A 128 3.38 3.77 -2.24
CA ALA A 128 4.19 4.06 -1.06
C ALA A 128 4.51 2.72 -0.43
N LEU A 129 5.82 2.40 -0.36
CA LEU A 129 6.31 1.14 0.18
C LEU A 129 7.17 1.38 1.42
N ARG A 130 6.78 0.78 2.54
CA ARG A 130 7.55 0.84 3.75
C ARG A 130 8.25 -0.49 4.03
N SER A 131 9.58 -0.47 3.94
CA SER A 131 10.36 -1.65 4.23
C SER A 131 9.82 -2.87 3.51
N PRO A 132 9.64 -2.77 2.19
CA PRO A 132 9.10 -3.92 1.47
C PRO A 132 10.02 -5.13 1.47
N ALA A 133 9.41 -6.30 1.67
CA ALA A 133 10.12 -7.57 1.70
C ALA A 133 10.55 -7.95 0.28
N LEU A 134 11.54 -8.83 0.18
CA LEU A 134 11.89 -9.51 -1.08
C LEU A 134 11.97 -11.02 -0.77
N TYR A 135 11.49 -11.83 -1.72
CA TYR A 135 11.46 -13.29 -1.69
C TYR A 135 11.91 -13.82 -3.08
N LYS A 136 12.37 -15.05 -3.17
CA LYS A 136 12.78 -15.57 -4.48
C LYS A 136 11.53 -15.85 -5.33
N ASP A 137 11.56 -15.59 -6.62
CA ASP A 137 10.41 -15.92 -7.50
C ASP A 137 9.99 -17.40 -7.40
N ALA A 138 10.95 -18.29 -7.13
CA ALA A 138 10.71 -19.73 -7.05
C ALA A 138 9.55 -20.03 -6.10
N HIS A 139 8.71 -21.01 -6.43
CA HIS A 139 7.66 -21.52 -5.53
C HIS A 139 6.47 -20.57 -5.22
N TRP A 140 5.89 -19.95 -6.25
CA TRP A 140 4.77 -19.00 -6.10
C TRP A 140 3.62 -19.56 -5.25
N ASP A 141 3.26 -20.82 -5.55
CA ASP A 141 2.10 -21.52 -4.95
C ASP A 141 2.40 -22.32 -3.67
N GLN A 142 3.60 -22.10 -3.13
CA GLN A 142 3.93 -22.57 -1.80
C GLN A 142 3.42 -21.61 -0.74
N PRO A 143 3.13 -22.15 0.45
CA PRO A 143 2.89 -21.40 1.67
C PRO A 143 3.94 -20.34 1.88
N LYS A 144 3.50 -19.12 2.14
CA LYS A 144 4.47 -18.04 2.30
C LYS A 144 5.43 -18.30 3.47
N VAL A 145 4.96 -19.00 4.53
CA VAL A 145 5.83 -19.34 5.67
C VAL A 145 7.01 -20.20 5.21
N SER A 146 6.77 -21.04 4.21
CA SER A 146 7.85 -21.84 3.61
C SER A 146 9.02 -20.95 3.05
N LEU A 147 8.71 -19.73 2.63
CA LEU A 147 9.73 -18.83 2.10
C LEU A 147 10.75 -18.44 3.19
N ASN A 148 10.26 -18.14 4.39
CA ASN A 148 11.15 -17.83 5.54
C ASN A 148 11.78 -19.09 6.14
N ALA A 149 11.25 -20.27 5.81
CA ALA A 149 11.89 -21.52 6.25
C ALA A 149 13.29 -21.57 5.65
N ASP A 150 13.40 -21.25 4.34
CA ASP A 150 14.69 -21.23 3.61
C ASP A 150 15.68 -20.31 4.30
N PRO A 151 16.74 -20.88 4.91
CA PRO A 151 17.69 -20.05 5.67
C PRO A 151 18.45 -19.07 4.75
N ASP A 152 18.60 -19.45 3.48
CA ASP A 152 19.23 -18.60 2.49
C ASP A 152 18.53 -17.26 2.22
N LEU A 153 17.30 -17.09 2.71
CA LEU A 153 16.58 -15.82 2.58
C LEU A 153 17.39 -14.62 3.12
N ASP A 155 20.63 -14.17 3.17
CA ASP A 155 21.63 -13.81 2.21
C ASP A 155 21.03 -13.03 1.03
N TYR A 156 19.88 -13.51 0.57
CA TYR A 156 19.17 -13.00 -0.61
C TYR A 156 18.81 -11.54 -0.46
N ARG A 157 18.39 -11.19 0.76
CA ARG A 157 18.07 -9.81 1.13
C ARG A 157 19.27 -8.97 1.48
N ARG A 158 20.45 -9.56 1.39
CA ARG A 158 21.69 -8.82 1.57
C ARG A 158 22.50 -8.78 0.29
N ARG A 159 21.97 -9.41 -0.77
CA ARG A 159 22.51 -9.37 -2.11
C ARG A 159 21.99 -8.20 -2.98
N ALA A 160 22.77 -7.86 -4.00
CA ALA A 160 22.37 -6.94 -5.08
C ALA A 160 21.52 -7.73 -6.08
N LEU A 161 20.43 -7.13 -6.56
CA LEU A 161 19.49 -7.83 -7.45
C LEU A 161 18.94 -6.86 -8.48
N ALA A 162 19.04 -7.24 -9.74
CA ALA A 162 18.46 -6.45 -10.82
C ALA A 162 17.00 -6.87 -11.01
N PRO A 163 16.21 -6.00 -11.67
CA PRO A 163 14.83 -6.33 -12.08
C PRO A 163 14.69 -7.70 -12.74
N GLY A 164 15.69 -8.08 -13.52
CA GLY A 164 15.74 -9.37 -14.19
C GLY A 164 15.81 -10.57 -13.26
N ASP A 165 16.25 -10.35 -12.03
CA ASP A 165 16.44 -11.46 -11.08
C ASP A 165 15.21 -11.69 -10.20
N ASN A 166 14.20 -10.82 -10.30
CA ASN A 166 13.14 -10.80 -9.31
C ASN A 166 11.85 -10.16 -9.82
N LEU A 167 10.74 -10.89 -9.70
CA LEU A 167 9.46 -10.46 -10.26
C LEU A 167 8.95 -9.13 -9.69
N ALA A 168 9.19 -8.89 -8.42
CA ALA A 168 8.75 -7.63 -7.79
C ALA A 168 9.57 -6.49 -8.36
N LEU A 169 10.90 -6.64 -8.31
CA LEU A 169 11.81 -5.64 -8.87
C LEU A 169 11.52 -5.32 -10.36
N ALA A 170 11.11 -6.34 -11.11
CA ALA A 170 10.64 -6.21 -12.50
C ALA A 170 9.40 -5.33 -12.59
N ALA A 171 8.44 -5.56 -11.71
CA ALA A 171 7.23 -4.73 -11.64
C ALA A 171 7.56 -3.26 -11.43
N CYS A 172 8.60 -2.96 -10.65
CA CYS A 172 8.99 -1.58 -10.41
C CYS A 172 9.59 -0.92 -11.63
N ALA A 173 10.42 -1.68 -12.31
CA ALA A 173 11.02 -1.25 -13.57
C ALA A 173 9.92 -0.84 -14.55
N GLN A 174 8.79 -1.54 -14.53
CA GLN A 174 7.64 -1.14 -15.35
C GLN A 174 6.83 0.02 -14.75
N TYR A 175 6.92 0.22 -13.44
CA TYR A 175 6.08 1.20 -12.75
C TYR A 175 6.35 2.65 -13.21
N LYS A 176 5.27 3.37 -13.49
CA LYS A 176 5.32 4.72 -14.00
C LYS A 176 4.73 5.80 -13.06
N GLY A 177 4.02 5.40 -12.01
CA GLY A 177 3.49 6.38 -11.04
C GLY A 177 4.55 7.11 -10.21
N ASP A 178 4.12 7.74 -9.13
CA ASP A 178 5.05 8.34 -8.17
C ASP A 178 5.28 7.34 -7.05
N VAL A 179 6.49 7.32 -6.47
CA VAL A 179 6.92 6.32 -5.48
C VAL A 179 7.48 6.93 -4.19
N LEU A 180 7.03 6.44 -3.03
CA LEU A 180 7.62 6.81 -1.72
C LEU A 180 8.26 5.57 -1.12
N LEU A 181 9.54 5.64 -0.75
CA LEU A 181 10.23 4.50 -0.14
C LEU A 181 10.65 4.94 1.27
N VAL A 182 10.09 4.32 2.30
CA VAL A 182 10.45 4.60 3.69
C VAL A 182 11.23 3.39 4.23
N GLU A 183 12.44 3.62 4.78
CA GLU A 183 13.22 2.54 5.46
C GLU A 183 13.58 2.85 6.95
N ALA A 184 13.77 1.78 7.74
CA ALA A 184 14.15 1.87 9.16
C ALA A 184 15.65 1.69 9.18
N GLU A 185 16.39 2.68 9.68
CA GLU A 185 17.84 2.65 9.56
C GLU A 185 18.46 1.35 10.05
N ASN A 186 18.00 0.80 11.16
CA ASN A 186 18.59 -0.43 11.76
C ASN A 186 17.75 -1.72 11.64
N ASP A 187 16.94 -1.79 10.58
CA ASP A 187 16.14 -2.96 10.22
C ASP A 187 17.08 -4.14 9.93
N VAL A 188 16.83 -5.26 10.60
CA VAL A 188 17.52 -6.53 10.34
C VAL A 188 16.62 -7.53 9.63
N ILE A 189 15.35 -7.20 9.41
CA ILE A 189 14.42 -8.06 8.64
C ILE A 189 14.42 -7.67 7.15
N VAL A 190 14.25 -6.38 6.88
CA VAL A 190 14.37 -5.87 5.52
C VAL A 190 15.47 -4.82 5.61
N PRO A 191 16.71 -5.23 5.41
CA PRO A 191 17.84 -4.32 5.64
C PRO A 191 18.12 -3.45 4.40
N HIS A 192 19.06 -2.51 4.51
CA HIS A 192 19.32 -1.55 3.43
C HIS A 192 19.41 -2.16 2.02
N PRO A 193 20.14 -3.28 1.88
CA PRO A 193 20.30 -3.76 0.52
C PRO A 193 19.01 -4.07 -0.22
N VAL A 194 17.95 -4.44 0.49
CA VAL A 194 16.65 -4.64 -0.19
C VAL A 194 16.19 -3.32 -0.78
N ARG A 196 18.06 -0.67 -1.44
CA ARG A 196 18.94 -0.26 -2.53
C ARG A 196 18.39 -0.90 -3.81
N ASN A 197 18.04 -2.19 -3.78
CA ASN A 197 17.53 -2.93 -4.96
C ASN A 197 16.24 -2.33 -5.51
N TYR A 198 15.32 -2.00 -4.59
CA TYR A 198 14.04 -1.33 -4.94
C TYR A 198 14.26 0.04 -5.60
N ALA A 199 14.87 0.97 -4.86
CA ALA A 199 15.28 2.27 -5.41
C ALA A 199 15.88 2.14 -6.82
N ASP A 200 16.92 1.34 -6.96
CA ASP A 200 17.55 1.12 -8.28
C ASP A 200 16.57 0.70 -9.38
N ALA A 201 15.66 -0.22 -9.05
CA ALA A 201 14.73 -0.80 -10.02
C ALA A 201 13.62 0.17 -10.49
N PHE A 202 13.40 1.28 -9.78
CA PHE A 202 12.27 2.18 -10.08
C PHE A 202 12.62 3.27 -11.07
N THR A 203 13.53 3.02 -11.98
CA THR A 203 14.01 4.12 -12.82
C THR A 203 13.06 4.55 -13.99
N ASN A 204 11.75 4.28 -13.85
CA ASN A 204 10.70 4.79 -14.76
C ASN A 204 9.55 5.53 -14.06
N ALA A 205 9.63 5.73 -12.74
CA ALA A 205 8.53 6.40 -12.01
C ALA A 205 8.58 7.90 -12.24
N ARG A 206 7.40 8.54 -12.25
CA ARG A 206 7.32 10.00 -12.31
C ARG A 206 8.26 10.63 -11.28
N SER A 207 8.44 9.97 -10.14
CA SER A 207 9.25 10.52 -9.09
C SER A 207 9.52 9.44 -8.09
N LEU A 208 10.58 9.65 -7.32
CA LEU A 208 11.00 8.70 -6.30
C LEU A 208 11.41 9.48 -5.08
N THR A 209 10.57 9.45 -4.04
CA THR A 209 10.92 10.09 -2.79
C THR A 209 11.40 8.97 -1.89
N SER A 210 12.30 9.30 -0.98
CA SER A 210 12.86 8.27 -0.14
C SER A 210 13.26 8.81 1.23
N ARG A 211 12.54 8.40 2.29
CA ARG A 211 12.87 8.81 3.66
C ARG A 211 13.55 7.62 4.33
N VAL A 212 14.56 7.86 5.16
CA VAL A 212 15.14 6.82 6.04
C VAL A 212 14.77 7.28 7.44
N ILE A 213 14.20 6.42 8.30
CA ILE A 213 13.94 6.83 9.68
C ILE A 213 15.16 6.52 10.53
N ALA A 214 15.74 7.56 11.11
CA ALA A 214 17.01 7.39 11.79
C ALA A 214 16.87 6.46 13.00
N GLY A 215 17.76 5.51 13.07
CA GLY A 215 17.78 4.56 14.17
C GLY A 215 16.60 3.62 14.40
N ALA A 216 15.61 3.62 13.51
CA ALA A 216 14.42 2.76 13.70
C ALA A 216 14.71 1.28 13.44
N ASP A 217 13.82 0.42 13.93
CA ASP A 217 13.82 -1.02 13.63
C ASP A 217 12.61 -1.35 12.76
N HIS A 218 12.54 -2.57 12.24
CA HIS A 218 11.46 -2.97 11.34
C HIS A 218 10.07 -2.69 11.92
N ALA A 219 9.84 -2.85 13.23
CA ALA A 219 8.51 -2.57 13.82
C ALA A 219 8.21 -1.09 14.02
N LEU A 220 9.17 -0.22 13.73
CA LEU A 220 9.15 1.18 14.19
C LEU A 220 8.68 1.20 15.65
N SER A 221 9.31 0.38 16.48
CA SER A 221 8.83 0.19 17.84
C SER A 221 8.95 1.42 18.73
N VAL A 222 9.80 2.39 18.42
CA VAL A 222 9.80 3.64 19.19
C VAL A 222 8.68 4.52 18.67
N LYS A 223 7.97 5.16 19.60
CA LYS A 223 6.82 6.00 19.28
C LYS A 223 7.18 7.08 18.25
N GLU A 224 8.29 7.76 18.47
CA GLU A 224 8.72 8.87 17.63
C GLU A 224 8.98 8.46 16.19
N HIS A 225 9.44 7.22 15.98
CA HIS A 225 9.69 6.70 14.64
C HIS A 225 8.38 6.36 13.97
N GLN A 226 7.55 5.71 14.74
CA GLN A 226 6.20 5.42 14.32
C GLN A 226 5.51 6.70 13.79
N GLN A 227 5.82 7.85 14.40
CA GLN A 227 5.24 9.16 13.97
C GLN A 227 6.02 9.86 12.85
N GLU A 228 7.34 9.67 12.80
CA GLU A 228 8.11 10.16 11.66
C GLU A 228 7.47 9.57 10.41
N TYR A 229 7.16 8.29 10.44
CA TYR A 229 6.60 7.64 9.27
C TYR A 229 5.23 8.19 8.93
N THR A 230 4.37 8.35 9.93
CA THR A 230 3.07 8.96 9.67
C THR A 230 3.26 10.32 8.98
N ARG A 231 4.14 11.15 9.52
CA ARG A 231 4.37 12.49 8.95
C ARG A 231 4.92 12.35 7.53
N ALA A 232 5.89 11.45 7.32
CA ALA A 232 6.46 11.22 5.99
C ALA A 232 5.41 10.84 4.97
N LEU A 233 4.53 9.91 5.34
CA LEU A 233 3.52 9.41 4.42
C LEU A 233 2.53 10.48 4.09
N ILE A 234 2.06 11.15 5.12
CA ILE A 234 1.04 12.19 4.96
C ILE A 234 1.54 13.43 4.23
N ASP A 235 2.78 13.84 4.47
CA ASP A 235 3.38 14.92 3.68
C ASP A 235 3.41 14.56 2.20
N TRP A 236 3.82 13.33 1.92
CA TRP A 236 3.90 12.86 0.54
C TRP A 236 2.52 12.81 -0.12
N LEU A 237 1.54 12.20 0.55
CA LEU A 237 0.19 12.15 -0.02
C LEU A 237 -0.34 13.53 -0.25
N THR A 238 -0.16 14.42 0.73
CA THR A 238 -0.53 15.82 0.60
C THR A 238 0.08 16.36 -0.67
N GLU A 239 1.41 16.29 -0.82
CA GLU A 239 2.03 16.73 -2.06
C GLU A 239 1.51 16.03 -3.33
N VAL A 241 -1.44 14.35 -3.80
CA VAL A 241 -2.85 14.45 -4.02
C VAL A 241 -3.31 15.91 -4.06
N VAL A 242 -2.66 16.78 -3.29
CA VAL A 242 -2.74 18.26 -3.45
C VAL A 242 -2.50 18.67 -4.90
N GLY A 243 -1.34 18.29 -5.44
CA GLY A 243 -1.05 18.46 -6.87
C GLY A 243 -2.28 18.39 -7.78
N ARG A 244 -3.28 17.58 -7.42
CA ARG A 244 -4.49 17.39 -8.24
C ARG A 244 -5.82 17.72 -7.51
#